data_1KCN
#
_entry.id   1KCN
#
_entity_poly.entity_id   1
_entity_poly.type   'polypeptide(L)'
_entity_poly.pdbx_seq_one_letter_code
;ALCPAVCYVGGKALCPDVCYV(NH2)
;
_entity_poly.pdbx_strand_id   A
#
loop_
_chem_comp.id
_chem_comp.type
_chem_comp.name
_chem_comp.formula
NH2 non-polymer 'AMINO GROUP' 'H2 N'
#
# COMPACT_ATOMS: atom_id res chain seq x y z
N ALA A 1 8.26 -1.32 4.22
CA ALA A 1 7.55 -2.16 3.24
C ALA A 1 8.14 -2.00 1.84
N LEU A 2 7.88 -2.98 0.96
CA LEU A 2 8.33 -2.99 -0.41
C LEU A 2 7.68 -1.83 -1.18
N CYS A 3 6.37 -1.66 -0.98
CA CYS A 3 5.59 -0.58 -1.56
C CYS A 3 5.62 0.61 -0.58
N PRO A 4 5.36 1.85 -1.04
CA PRO A 4 5.54 3.03 -0.19
C PRO A 4 4.52 3.06 0.94
N ALA A 5 4.95 3.61 2.09
CA ALA A 5 4.21 3.65 3.35
C ALA A 5 2.80 4.21 3.18
N VAL A 6 2.65 5.26 2.37
CA VAL A 6 1.39 5.98 2.13
C VAL A 6 0.23 5.04 1.81
N CYS A 7 0.50 3.97 1.05
CA CYS A 7 -0.49 2.98 0.66
C CYS A 7 -1.13 2.28 1.86
N TYR A 8 -0.33 2.03 2.91
CA TYR A 8 -0.77 1.34 4.11
C TYR A 8 -1.30 2.35 5.12
N VAL A 9 -0.47 3.33 5.48
CA VAL A 9 -0.77 4.38 6.42
C VAL A 9 -0.25 5.71 5.87
N GLY A 10 -1.15 6.70 5.74
CA GLY A 10 -0.85 8.01 5.17
C GLY A 10 -2.03 8.45 4.31
N GLY A 11 -2.27 7.69 3.22
CA GLY A 11 -3.46 7.83 2.40
C GLY A 11 -4.55 6.91 2.96
N LYS A 12 -5.08 6.03 2.11
CA LYS A 12 -6.06 5.02 2.49
C LYS A 12 -5.70 3.71 1.81
N ALA A 13 -5.77 3.68 0.47
CA ALA A 13 -5.37 2.55 -0.35
C ALA A 13 -5.12 3.06 -1.77
N LEU A 14 -3.86 2.97 -2.23
CA LEU A 14 -3.46 3.47 -3.54
C LEU A 14 -2.25 2.68 -4.06
N CYS A 15 -2.32 1.35 -3.92
CA CYS A 15 -1.34 0.38 -4.39
C CYS A 15 -2.09 -0.83 -4.96
N PRO A 16 -1.43 -1.66 -5.80
CA PRO A 16 -1.98 -2.91 -6.26
C PRO A 16 -2.12 -3.91 -5.10
N ASP A 17 -2.97 -4.91 -5.29
CA ASP A 17 -3.32 -5.92 -4.30
C ASP A 17 -2.08 -6.59 -3.69
N VAL A 18 -1.09 -6.91 -4.53
CA VAL A 18 0.14 -7.62 -4.16
C VAL A 18 0.84 -6.98 -2.96
N CYS A 19 0.86 -5.64 -2.89
CA CYS A 19 1.48 -4.89 -1.80
C CYS A 19 0.92 -5.31 -0.44
N TYR A 20 -0.39 -5.57 -0.37
CA TYR A 20 -1.08 -5.93 0.86
C TYR A 20 -1.03 -7.45 1.03
N VAL A 21 -1.48 -8.17 0.00
CA VAL A 21 -1.46 -9.63 -0.06
C VAL A 21 -0.06 -10.07 -0.50
N NH2 A 22 0.91 -9.94 0.40
HN1 NH2 A 22 1.86 -10.21 0.17
HN2 NH2 A 22 0.71 -9.55 1.31
N ALA A 1 5.77 -1.50 3.82
CA ALA A 1 6.34 -2.85 3.91
C ALA A 1 7.01 -3.26 2.60
N LEU A 2 6.22 -3.61 1.58
CA LEU A 2 6.71 -3.94 0.25
C LEU A 2 6.71 -2.66 -0.60
N CYS A 3 5.54 -2.00 -0.67
CA CYS A 3 5.33 -0.77 -1.41
C CYS A 3 5.64 0.43 -0.52
N PRO A 4 5.55 1.68 -1.03
CA PRO A 4 5.75 2.88 -0.21
C PRO A 4 4.75 2.96 0.95
N ALA A 5 5.17 3.58 2.06
CA ALA A 5 4.43 3.65 3.31
C ALA A 5 2.99 4.12 3.13
N VAL A 6 2.78 5.16 2.30
CA VAL A 6 1.49 5.76 2.04
C VAL A 6 0.43 4.75 1.60
N CYS A 7 0.83 3.68 0.91
CA CYS A 7 -0.08 2.61 0.51
C CYS A 7 -0.82 2.03 1.70
N TYR A 8 -0.11 1.82 2.82
CA TYR A 8 -0.62 1.18 4.02
C TYR A 8 -1.20 2.25 4.95
N VAL A 9 -0.44 3.32 5.16
CA VAL A 9 -0.82 4.45 6.01
C VAL A 9 -1.87 5.27 5.24
N GLY A 10 -3.14 4.86 5.37
CA GLY A 10 -4.28 5.49 4.73
C GLY A 10 -4.52 4.86 3.36
N GLY A 11 -4.77 3.54 3.34
CA GLY A 11 -5.09 2.82 2.12
C GLY A 11 -5.31 1.34 2.39
N LYS A 12 -6.55 0.86 2.27
CA LYS A 12 -6.88 -0.54 2.35
C LYS A 12 -6.48 -1.24 1.05
N ALA A 13 -6.98 -0.70 -0.08
CA ALA A 13 -6.68 -1.16 -1.43
C ALA A 13 -6.42 0.06 -2.31
N LEU A 14 -5.50 0.92 -1.87
CA LEU A 14 -5.14 2.16 -2.55
C LEU A 14 -4.15 1.86 -3.67
N CYS A 15 -3.08 1.15 -3.33
CA CYS A 15 -2.05 0.70 -4.27
C CYS A 15 -2.45 -0.68 -4.81
N PRO A 16 -1.70 -1.28 -5.74
CA PRO A 16 -2.00 -2.62 -6.25
C PRO A 16 -2.03 -3.67 -5.14
N ASP A 17 -2.83 -4.73 -5.35
CA ASP A 17 -3.11 -5.76 -4.36
C ASP A 17 -1.85 -6.37 -3.74
N VAL A 18 -0.82 -6.61 -4.57
CA VAL A 18 0.45 -7.22 -4.20
C VAL A 18 1.07 -6.59 -2.95
N CYS A 19 0.90 -5.26 -2.78
CA CYS A 19 1.38 -4.52 -1.62
C CYS A 19 0.88 -5.16 -0.33
N TYR A 20 -0.41 -5.48 -0.27
CA TYR A 20 -1.10 -5.91 0.93
C TYR A 20 -1.02 -7.44 1.08
N VAL A 21 -1.36 -8.18 0.03
CA VAL A 21 -1.41 -9.64 0.09
C VAL A 21 -0.01 -10.25 0.11
N NH2 A 22 0.98 -9.61 -0.54
HN1 NH2 A 22 0.80 -8.75 -1.02
HN2 NH2 A 22 1.91 -10.00 -0.53
N ALA A 1 4.90 -7.20 -0.31
CA ALA A 1 5.21 -5.83 0.11
C ALA A 1 6.24 -5.18 -0.83
N LEU A 2 5.77 -4.24 -1.66
CA LEU A 2 6.60 -3.51 -2.61
C LEU A 2 5.97 -2.14 -2.91
N CYS A 3 5.55 -1.44 -1.84
CA CYS A 3 4.86 -0.17 -1.90
C CYS A 3 5.43 0.78 -0.84
N PRO A 4 5.29 2.11 -1.03
CA PRO A 4 5.66 3.10 -0.03
C PRO A 4 4.67 3.07 1.14
N ALA A 5 5.09 3.66 2.27
CA ALA A 5 4.33 3.71 3.51
C ALA A 5 2.90 4.25 3.31
N VAL A 6 2.75 5.25 2.42
CA VAL A 6 1.48 5.91 2.12
C VAL A 6 0.36 4.91 1.80
N CYS A 7 0.69 3.86 1.05
CA CYS A 7 -0.27 2.83 0.65
C CYS A 7 -0.90 2.14 1.86
N TYR A 8 -0.12 1.93 2.92
CA TYR A 8 -0.55 1.21 4.12
C TYR A 8 -1.18 2.19 5.11
N VAL A 9 -0.43 3.26 5.43
CA VAL A 9 -0.83 4.30 6.36
C VAL A 9 -0.70 5.64 5.63
N GLY A 10 -1.79 6.06 4.97
CA GLY A 10 -1.86 7.32 4.25
C GLY A 10 -3.13 7.35 3.39
N GLY A 11 -3.53 8.56 2.96
CA GLY A 11 -4.76 8.78 2.23
C GLY A 11 -4.62 8.50 0.74
N LYS A 12 -4.02 7.37 0.37
CA LYS A 12 -3.89 6.91 -1.01
C LYS A 12 -3.55 5.42 -0.98
N ALA A 13 -4.51 4.59 -0.58
CA ALA A 13 -4.38 3.14 -0.56
C ALA A 13 -4.67 2.51 -1.94
N LEU A 14 -4.77 3.32 -3.00
CA LEU A 14 -5.00 2.86 -4.35
C LEU A 14 -3.67 2.38 -4.95
N CYS A 15 -3.19 1.24 -4.43
CA CYS A 15 -1.90 0.63 -4.78
C CYS A 15 -2.12 -0.84 -5.09
N PRO A 16 -1.18 -1.53 -5.78
CA PRO A 16 -1.30 -2.93 -6.14
C PRO A 16 -1.67 -3.83 -4.95
N ASP A 17 -2.57 -4.79 -5.20
CA ASP A 17 -3.06 -5.72 -4.20
C ASP A 17 -1.92 -6.50 -3.54
N VAL A 18 -0.92 -6.91 -4.34
CA VAL A 18 0.21 -7.71 -3.93
C VAL A 18 0.92 -7.11 -2.71
N CYS A 19 1.02 -5.77 -2.67
CA CYS A 19 1.64 -5.05 -1.55
C CYS A 19 1.01 -5.40 -0.21
N TYR A 20 -0.31 -5.62 -0.19
CA TYR A 20 -1.07 -5.95 1.00
C TYR A 20 -1.09 -7.46 1.19
N VAL A 21 -1.46 -8.20 0.13
CA VAL A 21 -1.48 -9.65 0.11
C VAL A 21 -1.41 -10.12 -1.35
N NH2 A 22 -0.50 -11.06 -1.63
HN1 NH2 A 22 0.09 -11.42 -0.92
HN2 NH2 A 22 -0.42 -11.40 -2.58
N ALA A 1 10.43 -2.14 1.42
CA ALA A 1 9.01 -2.55 1.32
C ALA A 1 8.56 -2.73 -0.12
N LEU A 2 7.46 -3.46 -0.32
CA LEU A 2 6.89 -3.71 -1.64
C LEU A 2 6.36 -2.41 -2.25
N CYS A 3 5.63 -1.62 -1.44
CA CYS A 3 5.07 -0.33 -1.79
C CYS A 3 5.45 0.68 -0.70
N PRO A 4 5.39 2.00 -0.98
CA PRO A 4 5.71 3.03 0.00
C PRO A 4 4.69 3.04 1.15
N ALA A 5 5.12 3.61 2.28
CA ALA A 5 4.36 3.67 3.53
C ALA A 5 2.96 4.23 3.33
N VAL A 6 2.82 5.27 2.51
CA VAL A 6 1.57 5.97 2.23
C VAL A 6 0.46 4.98 1.88
N CYS A 7 0.75 4.02 0.99
CA CYS A 7 -0.23 3.03 0.54
C CYS A 7 -0.72 2.11 1.66
N TYR A 8 0.05 1.97 2.75
CA TYR A 8 -0.34 1.17 3.89
C TYR A 8 -1.10 2.05 4.87
N VAL A 9 -0.49 3.13 5.36
CA VAL A 9 -1.14 4.11 6.23
C VAL A 9 -1.87 5.15 5.39
N GLY A 10 -2.87 4.69 4.62
CA GLY A 10 -3.74 5.53 3.81
C GLY A 10 -3.77 5.07 2.36
N GLY A 11 -4.26 3.84 2.11
CA GLY A 11 -4.41 3.33 0.77
C GLY A 11 -5.17 2.01 0.78
N LYS A 12 -6.51 2.10 0.74
CA LYS A 12 -7.39 0.93 0.65
C LYS A 12 -7.10 0.18 -0.66
N ALA A 13 -7.10 0.92 -1.78
CA ALA A 13 -6.78 0.39 -3.11
C ALA A 13 -6.03 1.44 -3.91
N LEU A 14 -5.08 2.13 -3.29
CA LEU A 14 -4.23 3.12 -3.94
C LEU A 14 -3.16 2.36 -4.74
N CYS A 15 -2.39 1.51 -4.04
CA CYS A 15 -1.45 0.59 -4.65
C CYS A 15 -2.15 -0.74 -4.93
N PRO A 16 -1.62 -1.58 -5.83
CA PRO A 16 -2.18 -2.89 -6.14
C PRO A 16 -2.08 -3.85 -4.95
N ASP A 17 -2.95 -4.86 -4.95
CA ASP A 17 -3.14 -5.80 -3.84
C ASP A 17 -1.92 -6.67 -3.55
N VAL A 18 -1.02 -6.84 -4.53
CA VAL A 18 0.23 -7.57 -4.35
C VAL A 18 1.04 -7.03 -3.16
N CYS A 19 1.00 -5.72 -2.94
CA CYS A 19 1.70 -5.06 -1.85
C CYS A 19 1.03 -5.29 -0.49
N TYR A 20 -0.28 -5.54 -0.47
CA TYR A 20 -1.05 -5.68 0.77
C TYR A 20 -1.04 -7.14 1.21
N VAL A 21 -1.46 -8.04 0.31
CA VAL A 21 -1.56 -9.49 0.55
C VAL A 21 -0.70 -10.26 -0.44
N NH2 A 22 -0.56 -9.77 -1.68
HN1 NH2 A 22 -1.03 -8.92 -1.94
HN2 NH2 A 22 0.02 -10.25 -2.35
N ALA A 1 10.10 -2.60 1.73
CA ALA A 1 8.65 -2.87 1.56
C ALA A 1 8.27 -3.02 0.10
N LEU A 2 7.13 -3.67 -0.16
CA LEU A 2 6.61 -3.90 -1.50
C LEU A 2 6.19 -2.57 -2.14
N CYS A 3 5.44 -1.76 -1.38
CA CYS A 3 5.01 -0.42 -1.76
C CYS A 3 5.36 0.56 -0.64
N PRO A 4 5.41 1.87 -0.92
CA PRO A 4 5.72 2.89 0.08
C PRO A 4 4.64 2.97 1.17
N ALA A 5 5.04 3.51 2.32
CA ALA A 5 4.24 3.56 3.54
C ALA A 5 2.89 4.23 3.35
N VAL A 6 2.80 5.26 2.51
CA VAL A 6 1.58 6.04 2.26
C VAL A 6 0.39 5.15 1.90
N CYS A 7 0.61 4.11 1.09
CA CYS A 7 -0.46 3.20 0.67
C CYS A 7 -1.00 2.38 1.83
N TYR A 8 -0.18 2.11 2.85
CA TYR A 8 -0.57 1.32 4.01
C TYR A 8 -1.16 2.23 5.08
N VAL A 9 -0.34 3.18 5.57
CA VAL A 9 -0.71 4.17 6.56
C VAL A 9 -1.04 5.46 5.84
N GLY A 10 -2.24 5.53 5.26
CA GLY A 10 -2.74 6.72 4.58
C GLY A 10 -3.99 6.38 3.76
N GLY A 11 -4.80 7.41 3.49
CA GLY A 11 -6.03 7.30 2.72
C GLY A 11 -5.76 6.96 1.25
N LYS A 12 -4.62 7.41 0.71
CA LYS A 12 -4.22 7.21 -0.67
C LYS A 12 -3.66 5.81 -0.87
N ALA A 13 -4.54 4.79 -0.73
CA ALA A 13 -4.22 3.39 -0.93
C ALA A 13 -4.21 3.04 -2.43
N LEU A 14 -3.44 3.81 -3.21
CA LEU A 14 -3.34 3.67 -4.66
C LEU A 14 -2.16 2.75 -4.96
N CYS A 15 -2.30 1.48 -4.57
CA CYS A 15 -1.30 0.44 -4.75
C CYS A 15 -2.01 -0.88 -5.03
N PRO A 16 -1.38 -1.83 -5.74
CA PRO A 16 -2.00 -3.07 -6.17
C PRO A 16 -2.20 -4.04 -5.00
N ASP A 17 -3.03 -5.07 -5.24
CA ASP A 17 -3.36 -6.10 -4.28
C ASP A 17 -2.11 -6.75 -3.68
N VAL A 18 -1.14 -7.08 -4.53
CA VAL A 18 0.10 -7.76 -4.16
C VAL A 18 0.82 -7.03 -3.03
N CYS A 19 0.85 -5.70 -3.06
CA CYS A 19 1.53 -4.90 -2.04
C CYS A 19 0.90 -5.05 -0.66
N TYR A 20 -0.41 -5.39 -0.58
CA TYR A 20 -1.11 -5.62 0.67
C TYR A 20 -0.97 -7.09 1.04
N VAL A 21 -1.31 -7.99 0.10
CA VAL A 21 -1.22 -9.43 0.25
C VAL A 21 0.22 -9.84 -0.05
N NH2 A 22 1.13 -9.52 0.87
HN1 NH2 A 22 2.10 -9.76 0.73
HN2 NH2 A 22 0.85 -8.99 1.69
N ALA A 1 6.68 -3.19 4.60
CA ALA A 1 6.11 -2.27 3.59
C ALA A 1 6.63 -2.61 2.19
N LEU A 2 5.82 -3.32 1.41
CA LEU A 2 6.16 -3.73 0.05
C LEU A 2 6.07 -2.52 -0.87
N CYS A 3 4.96 -1.77 -0.74
CA CYS A 3 4.74 -0.50 -1.43
C CYS A 3 5.29 0.63 -0.56
N PRO A 4 5.38 1.87 -1.08
CA PRO A 4 5.67 3.05 -0.27
C PRO A 4 4.71 3.19 0.91
N ALA A 5 5.17 3.85 1.98
CA ALA A 5 4.48 3.95 3.27
C ALA A 5 3.02 4.41 3.14
N VAL A 6 2.75 5.34 2.21
CA VAL A 6 1.42 5.89 1.97
C VAL A 6 0.37 4.81 1.70
N CYS A 7 0.78 3.69 1.09
CA CYS A 7 -0.10 2.56 0.78
C CYS A 7 -0.46 1.73 2.01
N TYR A 8 -0.15 2.21 3.23
CA TYR A 8 -0.53 1.60 4.49
C TYR A 8 -0.97 2.71 5.43
N VAL A 9 -0.08 3.68 5.67
CA VAL A 9 -0.33 4.88 6.45
C VAL A 9 -1.27 5.77 5.63
N GLY A 10 -2.58 5.62 5.85
CA GLY A 10 -3.61 6.26 5.06
C GLY A 10 -3.68 5.62 3.67
N GLY A 11 -3.67 4.28 3.62
CA GLY A 11 -3.75 3.52 2.39
C GLY A 11 -4.42 2.18 2.66
N LYS A 12 -5.75 2.17 2.76
CA LYS A 12 -6.52 0.98 3.06
C LYS A 12 -6.41 -0.05 1.93
N ALA A 13 -6.85 0.33 0.72
CA ALA A 13 -6.87 -0.55 -0.44
C ALA A 13 -6.97 0.30 -1.71
N LEU A 14 -5.88 0.97 -2.07
CA LEU A 14 -5.79 1.78 -3.28
C LEU A 14 -4.35 1.84 -3.80
N CYS A 15 -3.69 0.68 -3.79
CA CYS A 15 -2.34 0.45 -4.32
C CYS A 15 -2.31 -0.99 -4.86
N PRO A 16 -1.30 -1.39 -5.65
CA PRO A 16 -1.21 -2.73 -6.23
C PRO A 16 -1.45 -3.84 -5.20
N ASP A 17 -2.39 -4.75 -5.53
CA ASP A 17 -2.91 -5.79 -4.65
C ASP A 17 -1.82 -6.55 -3.92
N VAL A 18 -0.76 -6.94 -4.63
CA VAL A 18 0.38 -7.69 -4.11
C VAL A 18 0.97 -7.08 -2.83
N CYS A 19 0.97 -5.75 -2.72
CA CYS A 19 1.50 -5.05 -1.55
C CYS A 19 0.73 -5.37 -0.28
N TYR A 20 -0.58 -5.66 -0.40
CA TYR A 20 -1.42 -6.07 0.71
C TYR A 20 -1.38 -7.59 0.83
N VAL A 21 -1.69 -8.28 -0.28
CA VAL A 21 -1.68 -9.73 -0.38
C VAL A 21 -0.24 -10.18 -0.65
N NH2 A 22 0.61 -10.09 0.39
HN1 NH2 A 22 1.57 -10.37 0.26
HN2 NH2 A 22 0.28 -9.70 1.26
N ALA A 1 8.72 -1.84 3.58
CA ALA A 1 7.78 -2.53 2.68
C ALA A 1 8.16 -2.35 1.21
N LEU A 2 7.67 -3.24 0.35
CA LEU A 2 7.90 -3.21 -1.09
C LEU A 2 7.27 -1.95 -1.69
N CYS A 3 6.01 -1.70 -1.33
CA CYS A 3 5.26 -0.52 -1.74
C CYS A 3 5.49 0.58 -0.71
N PRO A 4 5.31 1.87 -1.06
CA PRO A 4 5.58 2.98 -0.15
C PRO A 4 4.58 2.99 1.01
N ALA A 5 5.03 3.56 2.14
CA ALA A 5 4.28 3.62 3.39
C ALA A 5 2.86 4.16 3.21
N VAL A 6 2.70 5.16 2.33
CA VAL A 6 1.44 5.83 2.03
C VAL A 6 0.31 4.83 1.73
N CYS A 7 0.64 3.74 1.01
CA CYS A 7 -0.29 2.69 0.65
C CYS A 7 -0.98 2.10 1.88
N TYR A 8 -0.20 1.87 2.96
CA TYR A 8 -0.67 1.20 4.16
C TYR A 8 -1.24 2.24 5.14
N VAL A 9 -0.46 3.27 5.44
CA VAL A 9 -0.81 4.35 6.35
C VAL A 9 -0.40 5.67 5.70
N GLY A 10 -1.38 6.44 5.22
CA GLY A 10 -1.14 7.75 4.64
C GLY A 10 -2.44 8.33 4.07
N GLY A 11 -2.94 7.73 2.98
CA GLY A 11 -4.15 8.18 2.34
C GLY A 11 -4.38 7.48 1.01
N LYS A 12 -3.39 7.52 0.12
CA LYS A 12 -3.48 6.97 -1.22
C LYS A 12 -3.24 5.46 -1.15
N ALA A 13 -4.24 4.74 -0.62
CA ALA A 13 -4.26 3.28 -0.56
C ALA A 13 -4.57 2.63 -1.92
N LEU A 14 -4.69 3.43 -2.98
CA LEU A 14 -4.91 2.96 -4.34
C LEU A 14 -3.58 2.45 -4.89
N CYS A 15 -3.11 1.31 -4.36
CA CYS A 15 -1.87 0.65 -4.71
C CYS A 15 -2.18 -0.81 -5.10
N PRO A 16 -1.30 -1.49 -5.86
CA PRO A 16 -1.47 -2.88 -6.25
C PRO A 16 -1.84 -3.79 -5.07
N ASP A 17 -2.69 -4.80 -5.33
CA ASP A 17 -3.17 -5.74 -4.33
C ASP A 17 -2.01 -6.45 -3.61
N VAL A 18 -0.97 -6.81 -4.38
CA VAL A 18 0.21 -7.52 -3.89
C VAL A 18 0.91 -6.79 -2.73
N CYS A 19 0.80 -5.46 -2.67
CA CYS A 19 1.33 -4.67 -1.55
C CYS A 19 0.82 -5.24 -0.22
N TYR A 20 -0.49 -5.52 -0.16
CA TYR A 20 -1.18 -5.97 1.04
C TYR A 20 -1.14 -7.50 1.10
N VAL A 21 -1.47 -8.16 -0.02
CA VAL A 21 -1.43 -9.60 -0.17
C VAL A 21 0.02 -10.00 -0.48
N NH2 A 22 0.90 -9.92 0.53
HN1 NH2 A 22 0.58 -9.58 1.43
HN2 NH2 A 22 1.86 -10.17 0.38
N ALA A 1 5.96 -3.17 4.91
CA ALA A 1 5.63 -2.20 3.85
C ALA A 1 6.69 -2.16 2.76
N LEU A 2 6.72 -3.21 1.93
CA LEU A 2 7.63 -3.29 0.78
C LEU A 2 7.32 -2.20 -0.25
N CYS A 3 6.04 -1.85 -0.41
CA CYS A 3 5.58 -0.76 -1.25
C CYS A 3 5.55 0.53 -0.41
N PRO A 4 5.37 1.73 -1.03
CA PRO A 4 5.42 3.00 -0.34
C PRO A 4 4.50 3.06 0.90
N ALA A 5 5.00 3.71 1.96
CA ALA A 5 4.35 3.81 3.25
C ALA A 5 2.92 4.36 3.17
N VAL A 6 2.68 5.30 2.23
CA VAL A 6 1.38 5.91 2.00
C VAL A 6 0.30 4.86 1.69
N CYS A 7 0.67 3.73 1.07
CA CYS A 7 -0.25 2.62 0.80
C CYS A 7 -0.54 1.77 2.03
N TYR A 8 -0.38 2.33 3.24
CA TYR A 8 -0.69 1.68 4.50
C TYR A 8 -1.14 2.77 5.47
N VAL A 9 -0.28 3.79 5.65
CA VAL A 9 -0.57 5.00 6.39
C VAL A 9 -1.48 5.87 5.52
N GLY A 10 -2.79 5.61 5.59
CA GLY A 10 -3.80 6.30 4.80
C GLY A 10 -3.83 5.76 3.37
N GLY A 11 -4.04 4.44 3.24
CA GLY A 11 -4.14 3.78 1.95
C GLY A 11 -4.54 2.32 2.14
N LYS A 12 -5.85 2.08 2.24
CA LYS A 12 -6.40 0.74 2.42
C LYS A 12 -6.19 -0.12 1.17
N ALA A 13 -6.45 0.46 -0.01
CA ALA A 13 -6.25 -0.18 -1.30
C ALA A 13 -5.79 0.88 -2.31
N LEU A 14 -4.73 1.61 -1.93
CA LEU A 14 -4.16 2.69 -2.74
C LEU A 14 -3.19 2.09 -3.78
N CYS A 15 -2.41 1.10 -3.36
CA CYS A 15 -1.48 0.38 -4.22
C CYS A 15 -2.20 -0.82 -4.85
N PRO A 16 -1.60 -1.49 -5.85
CA PRO A 16 -2.11 -2.75 -6.36
C PRO A 16 -2.09 -3.83 -5.28
N ASP A 17 -3.01 -4.79 -5.40
CA ASP A 17 -3.29 -5.84 -4.42
C ASP A 17 -2.04 -6.55 -3.91
N VAL A 18 -1.09 -6.83 -4.82
CA VAL A 18 0.18 -7.51 -4.55
C VAL A 18 0.88 -6.97 -3.30
N CYS A 19 0.86 -5.64 -3.11
CA CYS A 19 1.49 -4.97 -1.98
C CYS A 19 0.92 -5.45 -0.64
N TYR A 20 -0.38 -5.73 -0.59
CA TYR A 20 -1.09 -6.05 0.64
C TYR A 20 -1.04 -7.57 0.89
N VAL A 21 -1.37 -8.38 -0.11
CA VAL A 21 -1.39 -9.83 0.04
C VAL A 21 0.02 -10.41 0.14
N NH2 A 22 1.00 -9.81 -0.56
HN1 NH2 A 22 0.80 -9.01 -1.14
HN2 NH2 A 22 1.94 -10.17 -0.49
N ALA A 1 7.77 -0.60 2.27
CA ALA A 1 8.18 -2.00 2.20
C ALA A 1 8.22 -2.49 0.75
N LEU A 2 7.16 -3.20 0.31
CA LEU A 2 7.00 -3.60 -1.08
C LEU A 2 6.64 -2.35 -1.89
N CYS A 3 5.54 -1.70 -1.48
CA CYS A 3 5.09 -0.40 -1.95
C CYS A 3 5.43 0.67 -0.90
N PRO A 4 5.34 1.97 -1.26
CA PRO A 4 5.53 3.08 -0.33
C PRO A 4 4.62 3.01 0.90
N ALA A 5 5.08 3.63 1.99
CA ALA A 5 4.44 3.61 3.30
C ALA A 5 2.98 4.09 3.26
N VAL A 6 2.71 5.17 2.52
CA VAL A 6 1.40 5.82 2.45
C VAL A 6 0.28 4.84 2.04
N CYS A 7 0.57 3.86 1.18
CA CYS A 7 -0.41 2.88 0.75
C CYS A 7 -0.87 1.99 1.90
N TYR A 8 -0.06 1.84 2.95
CA TYR A 8 -0.46 1.15 4.16
C TYR A 8 -1.10 2.16 5.12
N VAL A 9 -0.39 3.28 5.35
CA VAL A 9 -0.82 4.35 6.24
C VAL A 9 -1.79 5.27 5.48
N GLY A 10 -3.01 4.77 5.27
CA GLY A 10 -4.09 5.53 4.64
C GLY A 10 -3.99 5.55 3.13
N GLY A 11 -4.10 4.37 2.50
CA GLY A 11 -4.17 4.25 1.06
C GLY A 11 -4.34 2.78 0.63
N LYS A 12 -5.24 2.07 1.32
CA LYS A 12 -5.41 0.62 1.24
C LYS A 12 -5.87 0.13 -0.15
N ALA A 13 -6.24 1.03 -1.07
CA ALA A 13 -6.56 0.67 -2.44
C ALA A 13 -6.02 1.71 -3.42
N LEU A 14 -4.83 2.26 -3.13
CA LEU A 14 -4.11 3.15 -4.04
C LEU A 14 -3.06 2.35 -4.80
N CYS A 15 -2.30 1.51 -4.08
CA CYS A 15 -1.28 0.64 -4.66
C CYS A 15 -1.90 -0.71 -5.05
N PRO A 16 -1.24 -1.51 -5.91
CA PRO A 16 -1.66 -2.85 -6.27
C PRO A 16 -1.89 -3.78 -5.07
N ASP A 17 -2.79 -4.75 -5.26
CA ASP A 17 -3.24 -5.67 -4.23
C ASP A 17 -2.09 -6.43 -3.57
N VAL A 18 -1.13 -6.90 -4.36
CA VAL A 18 -0.02 -7.74 -3.91
C VAL A 18 0.79 -7.09 -2.79
N CYS A 19 0.91 -5.76 -2.76
CA CYS A 19 1.63 -5.06 -1.71
C CYS A 19 0.97 -5.21 -0.35
N TYR A 20 -0.34 -5.46 -0.31
CA TYR A 20 -1.08 -5.75 0.90
C TYR A 20 -1.07 -7.26 1.14
N VAL A 21 -1.48 -8.02 0.12
CA VAL A 21 -1.53 -9.48 0.14
C VAL A 21 -0.15 -10.01 -0.22
N NH2 A 22 0.81 -9.87 0.70
HN1 NH2 A 22 1.75 -10.19 0.51
HN2 NH2 A 22 0.59 -9.40 1.57
N ALA A 1 8.04 -2.17 4.42
CA ALA A 1 6.96 -2.83 3.66
C ALA A 1 7.33 -3.03 2.20
N LEU A 2 6.48 -3.75 1.45
CA LEU A 2 6.73 -4.05 0.04
C LEU A 2 6.67 -2.76 -0.79
N CYS A 3 5.57 -2.01 -0.65
CA CYS A 3 5.30 -0.78 -1.38
C CYS A 3 5.58 0.42 -0.47
N PRO A 4 5.46 1.67 -0.96
CA PRO A 4 5.64 2.87 -0.15
C PRO A 4 4.63 2.95 1.00
N ALA A 5 5.01 3.65 2.08
CA ALA A 5 4.24 3.75 3.31
C ALA A 5 2.80 4.21 3.10
N VAL A 6 2.60 5.20 2.22
CA VAL A 6 1.30 5.80 1.92
C VAL A 6 0.24 4.76 1.59
N CYS A 7 0.64 3.66 0.93
CA CYS A 7 -0.24 2.56 0.55
C CYS A 7 -0.96 1.99 1.78
N TYR A 8 -0.21 1.81 2.88
CA TYR A 8 -0.68 1.16 4.10
C TYR A 8 -1.22 2.20 5.08
N VAL A 9 -0.37 3.16 5.45
CA VAL A 9 -0.65 4.22 6.40
C VAL A 9 -0.53 5.54 5.63
N GLY A 10 -1.67 6.11 5.25
CA GLY A 10 -1.73 7.32 4.45
C GLY A 10 -3.15 7.68 4.03
N GLY A 11 -4.03 6.69 3.89
CA GLY A 11 -5.42 6.89 3.48
C GLY A 11 -5.54 6.73 1.97
N LYS A 12 -4.60 7.33 1.22
CA LYS A 12 -4.51 7.21 -0.23
C LYS A 12 -3.91 5.85 -0.58
N ALA A 13 -4.66 4.78 -0.33
CA ALA A 13 -4.23 3.39 -0.50
C ALA A 13 -4.37 2.94 -1.97
N LEU A 14 -4.04 3.83 -2.92
CA LEU A 14 -4.18 3.59 -4.35
C LEU A 14 -2.92 2.86 -4.83
N CYS A 15 -2.77 1.60 -4.40
CA CYS A 15 -1.64 0.74 -4.73
C CYS A 15 -2.19 -0.66 -4.98
N PRO A 16 -1.53 -1.49 -5.81
CA PRO A 16 -2.05 -2.79 -6.20
C PRO A 16 -2.12 -3.78 -5.04
N ASP A 17 -2.96 -4.81 -5.20
CA ASP A 17 -3.23 -5.85 -4.21
C ASP A 17 -1.94 -6.49 -3.70
N VAL A 18 -0.95 -6.66 -4.59
CA VAL A 18 0.37 -7.23 -4.30
C VAL A 18 0.98 -6.62 -3.03
N CYS A 19 0.82 -5.29 -2.85
CA CYS A 19 1.32 -4.57 -1.69
C CYS A 19 0.81 -5.18 -0.38
N TYR A 20 -0.49 -5.48 -0.33
CA TYR A 20 -1.20 -5.87 0.88
C TYR A 20 -1.15 -7.38 1.09
N VAL A 21 -1.24 -8.15 -0.01
CA VAL A 21 -1.10 -9.59 0.01
C VAL A 21 0.32 -9.98 0.43
N NH2 A 22 1.34 -9.36 -0.19
HN1 NH2 A 22 1.15 -8.67 -0.91
HN2 NH2 A 22 2.28 -9.59 0.07
N ALA A 1 5.71 -4.48 2.91
CA ALA A 1 6.30 -4.95 1.65
C ALA A 1 7.17 -3.87 1.00
N LEU A 2 7.56 -4.07 -0.26
CA LEU A 2 8.45 -3.19 -1.00
C LEU A 2 7.79 -1.87 -1.41
N CYS A 3 6.47 -1.70 -1.18
CA CYS A 3 5.72 -0.55 -1.65
C CYS A 3 5.76 0.58 -0.62
N PRO A 4 5.39 1.83 -0.99
CA PRO A 4 5.48 2.99 -0.11
C PRO A 4 4.69 2.85 1.20
N ALA A 5 5.16 3.55 2.23
CA ALA A 5 4.49 3.66 3.53
C ALA A 5 3.07 4.21 3.36
N VAL A 6 2.92 5.22 2.49
CA VAL A 6 1.66 5.85 2.15
C VAL A 6 0.61 4.80 1.77
N CYS A 7 0.99 3.80 0.96
CA CYS A 7 0.08 2.77 0.51
C CYS A 7 -0.43 1.88 1.66
N TYR A 8 0.28 1.84 2.80
CA TYR A 8 -0.15 1.09 3.97
C TYR A 8 -1.02 1.96 4.88
N VAL A 9 -0.92 3.29 4.77
CA VAL A 9 -1.85 4.20 5.43
C VAL A 9 -3.18 4.10 4.68
N GLY A 10 -4.18 3.48 5.33
CA GLY A 10 -5.51 3.22 4.80
C GLY A 10 -6.13 4.43 4.09
N GLY A 11 -5.96 5.62 4.67
CA GLY A 11 -6.45 6.89 4.14
C GLY A 11 -6.09 7.12 2.68
N LYS A 12 -4.90 6.67 2.24
CA LYS A 12 -4.45 6.79 0.87
C LYS A 12 -3.74 5.50 0.46
N ALA A 13 -4.48 4.38 0.45
CA ALA A 13 -3.96 3.07 0.09
C ALA A 13 -3.88 2.92 -1.43
N LEU A 14 -3.12 3.80 -2.09
CA LEU A 14 -3.11 3.94 -3.55
C LEU A 14 -2.01 3.05 -4.15
N CYS A 15 -2.12 1.73 -3.91
CA CYS A 15 -1.32 0.71 -4.58
C CYS A 15 -2.20 -0.53 -4.81
N PRO A 16 -1.89 -1.39 -5.80
CA PRO A 16 -2.59 -2.64 -6.00
C PRO A 16 -2.49 -3.59 -4.81
N ASP A 17 -3.36 -4.60 -4.80
CA ASP A 17 -3.48 -5.60 -3.74
C ASP A 17 -2.17 -6.33 -3.44
N VAL A 18 -1.31 -6.52 -4.46
CA VAL A 18 -0.04 -7.23 -4.37
C VAL A 18 0.80 -6.76 -3.17
N CYS A 19 0.83 -5.44 -2.94
CA CYS A 19 1.58 -4.82 -1.86
C CYS A 19 1.11 -5.29 -0.49
N TYR A 20 -0.20 -5.56 -0.35
CA TYR A 20 -0.84 -5.84 0.92
C TYR A 20 -0.86 -7.33 1.19
N VAL A 21 -1.27 -8.14 0.21
CA VAL A 21 -1.32 -9.60 0.35
C VAL A 21 0.10 -10.19 0.40
N NH2 A 22 1.03 -9.64 -0.39
HN1 NH2 A 22 0.80 -8.86 -1.00
HN2 NH2 A 22 1.96 -10.01 -0.38
N ALA A 1 5.70 -6.99 -0.46
CA ALA A 1 5.25 -5.76 0.23
C ALA A 1 6.13 -4.54 -0.09
N LEU A 2 6.85 -4.57 -1.22
CA LEU A 2 7.76 -3.52 -1.64
C LEU A 2 6.95 -2.38 -2.26
N CYS A 3 6.23 -1.64 -1.41
CA CYS A 3 5.36 -0.53 -1.79
C CYS A 3 5.57 0.61 -0.77
N PRO A 4 5.31 1.87 -1.15
CA PRO A 4 5.54 3.01 -0.28
C PRO A 4 4.58 3.01 0.92
N ALA A 5 5.06 3.56 2.04
CA ALA A 5 4.37 3.57 3.33
C ALA A 5 2.94 4.12 3.23
N VAL A 6 2.76 5.21 2.48
CA VAL A 6 1.48 5.91 2.33
C VAL A 6 0.36 4.97 1.87
N CYS A 7 0.67 3.98 1.03
CA CYS A 7 -0.34 3.05 0.52
C CYS A 7 -0.94 2.18 1.63
N TYR A 8 -0.19 1.94 2.71
CA TYR A 8 -0.67 1.23 3.87
C TYR A 8 -1.28 2.24 4.85
N VAL A 9 -0.49 3.24 5.23
CA VAL A 9 -0.89 4.32 6.12
C VAL A 9 -1.62 5.38 5.28
N GLY A 10 -2.85 5.05 4.87
CA GLY A 10 -3.68 5.91 4.05
C GLY A 10 -5.10 5.37 3.98
N GLY A 11 -5.25 4.13 3.53
CA GLY A 11 -6.55 3.45 3.47
C GLY A 11 -6.35 1.97 3.21
N LYS A 12 -6.89 1.48 2.08
CA LYS A 12 -6.83 0.08 1.68
C LYS A 12 -6.11 -0.02 0.34
N ALA A 13 -6.85 -0.14 -0.78
CA ALA A 13 -6.29 -0.40 -2.10
C ALA A 13 -5.82 0.89 -2.78
N LEU A 14 -4.78 1.51 -2.21
CA LEU A 14 -4.15 2.70 -2.77
C LEU A 14 -3.18 2.26 -3.86
N CYS A 15 -2.21 1.41 -3.49
CA CYS A 15 -1.32 0.70 -4.41
C CYS A 15 -1.99 -0.64 -4.77
N PRO A 16 -1.49 -1.39 -5.76
CA PRO A 16 -2.03 -2.69 -6.14
C PRO A 16 -2.10 -3.69 -5.00
N ASP A 17 -2.92 -4.73 -5.18
CA ASP A 17 -3.25 -5.73 -4.16
C ASP A 17 -2.03 -6.42 -3.56
N VAL A 18 -1.02 -6.73 -4.39
CA VAL A 18 0.16 -7.49 -4.02
C VAL A 18 0.90 -6.90 -2.80
N CYS A 19 0.84 -5.58 -2.62
CA CYS A 19 1.43 -4.87 -1.49
C CYS A 19 0.95 -5.48 -0.17
N TYR A 20 -0.35 -5.72 -0.06
CA TYR A 20 -1.02 -6.18 1.15
C TYR A 20 -1.06 -7.71 1.14
N VAL A 21 -1.47 -8.28 0.00
CA VAL A 21 -1.51 -9.71 -0.25
C VAL A 21 -0.09 -10.17 -0.64
N NH2 A 22 0.81 -10.20 0.34
HN1 NH2 A 22 1.75 -10.48 0.14
HN2 NH2 A 22 0.54 -9.90 1.27
N ALA A 1 10.79 -1.91 0.95
CA ALA A 1 9.39 -2.34 0.97
C ALA A 1 8.83 -2.54 -0.43
N LEU A 2 7.74 -3.30 -0.55
CA LEU A 2 7.07 -3.57 -1.81
C LEU A 2 6.43 -2.29 -2.35
N CYS A 3 5.76 -1.54 -1.46
CA CYS A 3 5.09 -0.29 -1.74
C CYS A 3 5.46 0.72 -0.64
N PRO A 4 5.30 2.04 -0.88
CA PRO A 4 5.65 3.07 0.08
C PRO A 4 4.72 3.05 1.31
N ALA A 5 5.17 3.72 2.38
CA ALA A 5 4.44 3.85 3.63
C ALA A 5 3.05 4.43 3.42
N VAL A 6 2.93 5.42 2.53
CA VAL A 6 1.67 6.06 2.17
C VAL A 6 0.63 5.01 1.78
N CYS A 7 1.01 4.05 0.92
CA CYS A 7 0.13 2.99 0.48
C CYS A 7 -0.26 2.02 1.60
N TYR A 8 0.46 2.02 2.74
CA TYR A 8 0.13 1.25 3.92
C TYR A 8 -0.71 2.05 4.92
N VAL A 9 -0.81 3.38 4.77
CA VAL A 9 -1.75 4.18 5.54
C VAL A 9 -3.14 3.84 5.04
N GLY A 10 -3.94 3.19 5.89
CA GLY A 10 -5.32 2.81 5.62
C GLY A 10 -6.19 4.05 5.44
N GLY A 11 -6.24 4.56 4.21
CA GLY A 11 -6.87 5.82 3.85
C GLY A 11 -6.27 6.32 2.53
N LYS A 12 -4.93 6.28 2.44
CA LYS A 12 -4.18 6.62 1.24
C LYS A 12 -3.65 5.33 0.58
N ALA A 13 -4.42 4.25 0.65
CA ALA A 13 -4.05 2.92 0.17
C ALA A 13 -4.25 2.83 -1.34
N LEU A 14 -3.41 3.54 -2.10
CA LEU A 14 -3.52 3.67 -3.54
C LEU A 14 -2.41 2.88 -4.24
N CYS A 15 -2.29 1.59 -3.93
CA CYS A 15 -1.38 0.66 -4.59
C CYS A 15 -2.09 -0.70 -4.79
N PRO A 16 -1.62 -1.55 -5.71
CA PRO A 16 -2.17 -2.88 -5.94
C PRO A 16 -2.21 -3.75 -4.68
N ASP A 17 -3.18 -4.68 -4.65
CA ASP A 17 -3.35 -5.65 -3.59
C ASP A 17 -2.12 -6.54 -3.39
N VAL A 18 -1.28 -6.68 -4.42
CA VAL A 18 -0.05 -7.46 -4.39
C VAL A 18 0.82 -7.07 -3.20
N CYS A 19 0.99 -5.76 -2.97
CA CYS A 19 1.78 -5.23 -1.86
C CYS A 19 1.16 -5.55 -0.50
N TYR A 20 -0.17 -5.67 -0.43
CA TYR A 20 -0.92 -5.79 0.82
C TYR A 20 -1.07 -7.26 1.22
N VAL A 21 -1.23 -8.15 0.23
CA VAL A 21 -1.43 -9.57 0.43
C VAL A 21 -0.89 -10.37 -0.77
N NH2 A 22 -1.15 -9.90 -1.99
HN1 NH2 A 22 -1.68 -9.04 -2.11
HN2 NH2 A 22 -0.81 -10.41 -2.80
N ALA A 1 8.03 -3.03 3.72
CA ALA A 1 7.37 -2.00 2.89
C ALA A 1 7.85 -2.09 1.44
N LEU A 2 7.47 -3.18 0.74
CA LEU A 2 7.81 -3.40 -0.65
C LEU A 2 7.25 -2.30 -1.56
N CYS A 3 6.04 -1.81 -1.26
CA CYS A 3 5.42 -0.65 -1.89
C CYS A 3 5.43 0.53 -0.91
N PRO A 4 5.12 1.76 -1.35
CA PRO A 4 5.16 2.96 -0.50
C PRO A 4 4.35 2.84 0.79
N ALA A 5 4.88 3.43 1.87
CA ALA A 5 4.29 3.40 3.20
C ALA A 5 2.88 4.00 3.23
N VAL A 6 2.68 5.10 2.49
CA VAL A 6 1.43 5.85 2.43
C VAL A 6 0.24 4.95 2.06
N CYS A 7 0.46 3.92 1.25
CA CYS A 7 -0.58 2.98 0.86
C CYS A 7 -1.16 2.24 2.07
N TYR A 8 -0.32 1.95 3.08
CA TYR A 8 -0.72 1.21 4.26
C TYR A 8 -1.22 2.17 5.33
N VAL A 9 -0.43 3.23 5.60
CA VAL A 9 -0.69 4.23 6.61
C VAL A 9 -0.74 5.62 5.96
N GLY A 10 -1.89 5.93 5.36
CA GLY A 10 -2.14 7.21 4.73
C GLY A 10 -3.41 7.14 3.88
N GLY A 11 -4.03 8.31 3.63
CA GLY A 11 -5.27 8.41 2.87
C GLY A 11 -4.99 8.43 1.37
N LYS A 12 -4.27 7.42 0.87
CA LYS A 12 -3.92 7.26 -0.54
C LYS A 12 -3.51 5.80 -0.75
N ALA A 13 -4.51 4.91 -0.84
CA ALA A 13 -4.31 3.48 -1.02
C ALA A 13 -4.03 3.12 -2.49
N LEU A 14 -3.19 3.92 -3.15
CA LEU A 14 -2.89 3.80 -4.58
C LEU A 14 -1.75 2.80 -4.76
N CYS A 15 -2.05 1.52 -4.55
CA CYS A 15 -1.11 0.42 -4.66
C CYS A 15 -1.85 -0.84 -5.12
N PRO A 16 -1.25 -1.66 -6.01
CA PRO A 16 -1.73 -2.98 -6.36
C PRO A 16 -2.02 -3.90 -5.17
N ASP A 17 -2.79 -4.96 -5.42
CA ASP A 17 -3.23 -5.93 -4.42
C ASP A 17 -2.04 -6.56 -3.68
N VAL A 18 -1.02 -7.01 -4.42
CA VAL A 18 0.15 -7.71 -3.90
C VAL A 18 0.89 -6.90 -2.83
N CYS A 19 0.83 -5.56 -2.89
CA CYS A 19 1.43 -4.67 -1.89
C CYS A 19 0.85 -4.95 -0.49
N TYR A 20 -0.44 -5.29 -0.43
CA TYR A 20 -1.14 -5.54 0.82
C TYR A 20 -1.01 -7.03 1.17
N VAL A 21 -1.45 -7.91 0.27
CA VAL A 21 -1.32 -9.36 0.43
C VAL A 21 -0.03 -9.82 -0.24
N NH2 A 22 1.11 -9.39 0.31
HN1 NH2 A 22 1.07 -8.79 1.13
HN2 NH2 A 22 1.99 -9.65 -0.09
N ALA A 1 5.71 0.11 3.81
CA ALA A 1 6.31 -1.18 4.22
C ALA A 1 7.11 -1.80 3.07
N LEU A 2 6.51 -2.72 2.31
CA LEU A 2 7.12 -3.31 1.13
C LEU A 2 7.10 -2.26 0.01
N CYS A 3 5.90 -1.78 -0.31
CA CYS A 3 5.67 -0.69 -1.26
C CYS A 3 5.69 0.64 -0.48
N PRO A 4 5.44 1.80 -1.11
CA PRO A 4 5.47 3.10 -0.43
C PRO A 4 4.54 3.15 0.79
N ALA A 5 5.04 3.73 1.89
CA ALA A 5 4.39 3.76 3.19
C ALA A 5 2.94 4.25 3.13
N VAL A 6 2.68 5.29 2.33
CA VAL A 6 1.36 5.92 2.16
C VAL A 6 0.27 4.89 1.83
N CYS A 7 0.60 3.84 1.07
CA CYS A 7 -0.35 2.81 0.69
C CYS A 7 -0.93 2.10 1.92
N TYR A 8 -0.11 1.91 2.95
CA TYR A 8 -0.51 1.23 4.17
C TYR A 8 -1.09 2.25 5.15
N VAL A 9 -0.38 3.38 5.30
CA VAL A 9 -0.77 4.48 6.17
C VAL A 9 -1.73 5.40 5.40
N GLY A 10 -3.02 5.02 5.37
CA GLY A 10 -4.10 5.88 4.88
C GLY A 10 -4.62 5.43 3.51
N GLY A 11 -3.73 5.32 2.51
CA GLY A 11 -4.10 5.05 1.13
C GLY A 11 -4.39 3.57 0.88
N LYS A 12 -5.41 3.04 1.56
CA LYS A 12 -5.75 1.62 1.62
C LYS A 12 -5.90 0.92 0.27
N ALA A 13 -6.18 1.66 -0.81
CA ALA A 13 -6.27 1.12 -2.17
C ALA A 13 -5.50 2.02 -3.15
N LEU A 14 -4.36 2.57 -2.71
CA LEU A 14 -3.46 3.37 -3.54
C LEU A 14 -2.56 2.41 -4.33
N CYS A 15 -2.01 1.39 -3.65
CA CYS A 15 -1.18 0.37 -4.25
C CYS A 15 -2.06 -0.78 -4.75
N PRO A 16 -1.56 -1.63 -5.65
CA PRO A 16 -2.25 -2.85 -6.06
C PRO A 16 -2.28 -3.88 -4.93
N ASP A 17 -3.11 -4.91 -5.10
CA ASP A 17 -3.33 -5.98 -4.13
C ASP A 17 -2.02 -6.62 -3.67
N VAL A 18 -1.08 -6.83 -4.61
CA VAL A 18 0.22 -7.47 -4.39
C VAL A 18 0.94 -6.90 -3.16
N CYS A 19 0.93 -5.57 -3.03
CA CYS A 19 1.60 -4.87 -1.93
C CYS A 19 1.03 -5.25 -0.57
N TYR A 20 -0.28 -5.49 -0.49
CA TYR A 20 -0.98 -5.75 0.76
C TYR A 20 -0.97 -7.25 1.09
N VAL A 21 -1.31 -8.09 0.11
CA VAL A 21 -1.41 -9.54 0.25
C VAL A 21 -0.77 -10.22 -0.97
N NH2 A 22 -0.17 -11.39 -0.76
HN1 NH2 A 22 0.27 -11.87 -1.53
HN2 NH2 A 22 -0.15 -11.79 0.17
N ALA A 1 9.37 -2.23 2.65
CA ALA A 1 8.08 -2.75 2.15
C ALA A 1 8.04 -2.79 0.62
N LEU A 2 7.04 -3.48 0.07
CA LEU A 2 6.88 -3.66 -1.37
C LEU A 2 6.58 -2.30 -2.03
N CYS A 3 5.46 -1.68 -1.66
CA CYS A 3 5.11 -0.32 -2.04
C CYS A 3 5.38 0.63 -0.86
N PRO A 4 5.40 1.96 -1.07
CA PRO A 4 5.61 2.93 -0.01
C PRO A 4 4.58 2.83 1.13
N ALA A 5 4.99 3.30 2.31
CA ALA A 5 4.18 3.29 3.54
C ALA A 5 2.85 4.02 3.38
N VAL A 6 2.83 5.09 2.57
CA VAL A 6 1.67 5.95 2.34
C VAL A 6 0.43 5.15 1.94
N CYS A 7 0.61 4.10 1.12
CA CYS A 7 -0.49 3.27 0.67
C CYS A 7 -1.17 2.52 1.82
N TYR A 8 -0.41 2.15 2.86
CA TYR A 8 -0.91 1.38 3.98
C TYR A 8 -1.41 2.31 5.09
N VAL A 9 -0.51 3.20 5.55
CA VAL A 9 -0.71 4.08 6.69
C VAL A 9 -0.42 5.52 6.27
N GLY A 10 -1.25 6.06 5.36
CA GLY A 10 -1.17 7.44 4.91
C GLY A 10 -2.55 7.88 4.43
N GLY A 11 -3.02 7.31 3.33
CA GLY A 11 -4.33 7.63 2.78
C GLY A 11 -4.46 7.23 1.31
N LYS A 12 -3.45 7.57 0.51
CA LYS A 12 -3.45 7.33 -0.92
C LYS A 12 -3.09 5.87 -1.20
N ALA A 13 -4.06 4.98 -0.93
CA ALA A 13 -3.99 3.54 -1.18
C ALA A 13 -4.15 3.24 -2.67
N LEU A 14 -3.23 3.80 -3.48
CA LEU A 14 -3.18 3.64 -4.93
C LEU A 14 -2.09 2.62 -5.26
N CYS A 15 -2.20 1.42 -4.65
CA CYS A 15 -1.25 0.34 -4.78
C CYS A 15 -1.99 -0.97 -5.07
N PRO A 16 -1.35 -1.95 -5.73
CA PRO A 16 -1.98 -3.20 -6.11
C PRO A 16 -2.17 -4.14 -4.92
N ASP A 17 -2.97 -5.19 -5.13
CA ASP A 17 -3.22 -6.26 -4.17
C ASP A 17 -1.93 -6.88 -3.65
N VAL A 18 -0.93 -7.04 -4.54
CA VAL A 18 0.37 -7.63 -4.24
C VAL A 18 1.04 -6.93 -3.06
N CYS A 19 0.98 -5.59 -3.03
CA CYS A 19 1.60 -4.79 -1.98
C CYS A 19 0.85 -4.90 -0.65
N TYR A 20 -0.43 -5.29 -0.66
CA TYR A 20 -1.24 -5.43 0.54
C TYR A 20 -1.11 -6.84 1.12
N VAL A 21 -1.25 -7.86 0.27
CA VAL A 21 -1.19 -9.27 0.64
C VAL A 21 -0.39 -10.04 -0.42
N NH2 A 22 0.34 -11.07 0.00
HN1 NH2 A 22 0.37 -11.31 0.99
HN2 NH2 A 22 0.88 -11.60 -0.66
N ALA A 1 11.02 -0.78 1.29
CA ALA A 1 9.68 -1.31 1.58
C ALA A 1 9.08 -2.04 0.38
N LEU A 2 8.09 -2.91 0.64
CA LEU A 2 7.37 -3.65 -0.39
C LEU A 2 6.65 -2.68 -1.32
N CYS A 3 5.94 -1.71 -0.75
CA CYS A 3 5.28 -0.62 -1.46
C CYS A 3 5.46 0.67 -0.63
N PRO A 4 5.22 1.86 -1.22
CA PRO A 4 5.30 3.12 -0.50
C PRO A 4 4.45 3.13 0.78
N ALA A 5 4.95 3.81 1.83
CA ALA A 5 4.33 3.87 3.14
C ALA A 5 2.87 4.32 3.08
N VAL A 6 2.59 5.32 2.23
CA VAL A 6 1.26 5.91 2.05
C VAL A 6 0.18 4.87 1.75
N CYS A 7 0.56 3.77 1.06
CA CYS A 7 -0.32 2.66 0.74
C CYS A 7 -0.93 2.05 2.00
N TYR A 8 -0.10 1.84 3.02
CA TYR A 8 -0.47 1.16 4.25
C TYR A 8 -1.01 2.17 5.27
N VAL A 9 -0.22 3.21 5.54
CA VAL A 9 -0.52 4.24 6.52
C VAL A 9 -0.29 5.60 5.86
N GLY A 10 -1.38 6.27 5.46
CA GLY A 10 -1.31 7.60 4.88
C GLY A 10 -2.68 8.04 4.38
N GLY A 11 -3.16 7.43 3.29
CA GLY A 11 -4.45 7.77 2.71
C GLY A 11 -4.62 7.15 1.33
N LYS A 12 -3.62 7.31 0.46
CA LYS A 12 -3.63 6.79 -0.91
C LYS A 12 -3.35 5.30 -0.90
N ALA A 13 -4.34 4.52 -0.46
CA ALA A 13 -4.34 3.07 -0.48
C ALA A 13 -4.57 2.50 -1.89
N LEU A 14 -4.64 3.36 -2.91
CA LEU A 14 -4.77 2.97 -4.32
C LEU A 14 -3.40 2.48 -4.82
N CYS A 15 -2.99 1.31 -4.35
CA CYS A 15 -1.73 0.66 -4.69
C CYS A 15 -2.03 -0.80 -5.07
N PRO A 16 -1.13 -1.50 -5.79
CA PRO A 16 -1.32 -2.88 -6.21
C PRO A 16 -1.75 -3.81 -5.06
N ASP A 17 -2.59 -4.80 -5.39
CA ASP A 17 -3.09 -5.79 -4.44
C ASP A 17 -1.93 -6.51 -3.73
N VAL A 18 -0.85 -6.80 -4.47
CA VAL A 18 0.35 -7.47 -4.00
C VAL A 18 0.91 -6.82 -2.73
N CYS A 19 0.82 -5.49 -2.61
CA CYS A 19 1.25 -4.74 -1.44
C CYS A 19 0.67 -5.34 -0.15
N TYR A 20 -0.63 -5.60 -0.17
CA TYR A 20 -1.39 -6.06 1.00
C TYR A 20 -1.37 -7.58 1.05
N VAL A 21 -1.67 -8.22 -0.08
CA VAL A 21 -1.62 -9.67 -0.26
C VAL A 21 -0.17 -10.06 -0.55
N NH2 A 22 0.68 -9.99 0.48
HN1 NH2 A 22 1.65 -10.23 0.35
HN2 NH2 A 22 0.35 -9.66 1.38
N ALA A 1 8.05 -1.18 4.00
CA ALA A 1 7.39 -2.05 3.00
C ALA A 1 7.93 -1.83 1.59
N LEU A 2 7.78 -2.84 0.73
CA LEU A 2 8.23 -2.79 -0.66
C LEU A 2 7.51 -1.70 -1.45
N CYS A 3 6.20 -1.53 -1.21
CA CYS A 3 5.39 -0.45 -1.75
C CYS A 3 5.45 0.74 -0.77
N PRO A 4 5.18 1.98 -1.20
CA PRO A 4 5.37 3.15 -0.35
C PRO A 4 4.41 3.15 0.83
N ALA A 5 4.91 3.59 2.00
CA ALA A 5 4.23 3.56 3.29
C ALA A 5 2.84 4.18 3.25
N VAL A 6 2.67 5.26 2.49
CA VAL A 6 1.42 6.02 2.37
C VAL A 6 0.23 5.12 1.99
N CYS A 7 0.47 4.07 1.21
CA CYS A 7 -0.55 3.13 0.80
C CYS A 7 -1.15 2.37 1.99
N TYR A 8 -0.32 2.03 2.97
CA TYR A 8 -0.72 1.26 4.14
C TYR A 8 -1.19 2.21 5.25
N VAL A 9 -0.32 3.15 5.64
CA VAL A 9 -0.49 4.06 6.74
C VAL A 9 -0.35 5.50 6.25
N GLY A 10 -1.38 5.98 5.52
CA GLY A 10 -1.43 7.34 5.04
C GLY A 10 -2.83 7.67 4.55
N GLY A 11 -3.23 7.07 3.42
CA GLY A 11 -4.55 7.30 2.84
C GLY A 11 -4.54 7.05 1.33
N LYS A 12 -3.46 7.43 0.65
CA LYS A 12 -3.30 7.28 -0.79
C LYS A 12 -2.97 5.83 -1.12
N ALA A 13 -3.99 4.97 -1.02
CA ALA A 13 -3.95 3.54 -1.30
C ALA A 13 -3.88 3.24 -2.81
N LEU A 14 -3.06 4.00 -3.55
CA LEU A 14 -2.82 3.83 -4.97
C LEU A 14 -1.71 2.80 -5.12
N CYS A 15 -2.02 1.55 -4.78
CA CYS A 15 -1.11 0.42 -4.79
C CYS A 15 -1.89 -0.84 -5.19
N PRO A 16 -1.27 -1.76 -5.96
CA PRO A 16 -1.90 -3.01 -6.37
C PRO A 16 -2.05 -3.98 -5.18
N ASP A 17 -2.90 -4.99 -5.38
CA ASP A 17 -3.26 -6.01 -4.40
C ASP A 17 -2.03 -6.66 -3.75
N VAL A 18 -1.03 -7.00 -4.56
CA VAL A 18 0.18 -7.69 -4.13
C VAL A 18 0.91 -6.97 -2.99
N CYS A 19 0.82 -5.64 -2.92
CA CYS A 19 1.41 -4.86 -1.85
C CYS A 19 0.86 -5.30 -0.48
N TYR A 20 -0.45 -5.53 -0.41
CA TYR A 20 -1.16 -5.81 0.83
C TYR A 20 -1.17 -7.30 1.11
N VAL A 21 -1.53 -8.12 0.12
CA VAL A 21 -1.63 -9.56 0.25
C VAL A 21 -0.24 -10.19 0.36
N NH2 A 22 0.70 -9.77 -0.49
HN1 NH2 A 22 0.51 -9.05 -1.17
HN2 NH2 A 22 1.63 -10.17 -0.44
N ALA A 1 5.87 -4.22 4.10
CA ALA A 1 5.36 -3.27 3.11
C ALA A 1 6.26 -3.23 1.86
N LEU A 2 5.86 -3.98 0.82
CA LEU A 2 6.58 -4.05 -0.45
C LEU A 2 6.58 -2.68 -1.12
N CYS A 3 5.41 -2.04 -1.17
CA CYS A 3 5.18 -0.72 -1.72
C CYS A 3 5.38 0.30 -0.59
N PRO A 4 5.55 1.60 -0.89
CA PRO A 4 5.84 2.59 0.15
C PRO A 4 4.67 2.78 1.12
N ALA A 5 5.01 2.94 2.41
CA ALA A 5 4.09 2.97 3.55
C ALA A 5 2.94 3.98 3.41
N VAL A 6 3.13 5.05 2.63
CA VAL A 6 2.11 6.05 2.35
C VAL A 6 0.82 5.40 1.82
N CYS A 7 0.93 4.28 1.09
CA CYS A 7 -0.22 3.59 0.51
C CYS A 7 -0.83 2.55 1.47
N TYR A 8 -0.45 2.56 2.74
CA TYR A 8 -0.89 1.64 3.79
C TYR A 8 -1.49 2.42 4.95
N VAL A 9 -0.81 3.51 5.35
CA VAL A 9 -1.21 4.42 6.40
C VAL A 9 -1.26 5.83 5.81
N GLY A 10 -2.25 6.62 6.24
CA GLY A 10 -2.57 7.91 5.65
C GLY A 10 -3.40 7.67 4.39
N GLY A 11 -2.75 7.23 3.31
CA GLY A 11 -3.40 6.74 2.11
C GLY A 11 -3.74 5.27 2.34
N LYS A 12 -4.77 5.02 3.14
CA LYS A 12 -5.15 3.71 3.69
C LYS A 12 -4.90 2.54 2.72
N ALA A 13 -5.53 2.55 1.55
CA ALA A 13 -5.37 1.50 0.56
C ALA A 13 -5.76 2.03 -0.82
N LEU A 14 -4.80 2.09 -1.75
CA LEU A 14 -5.01 2.57 -3.10
C LEU A 14 -3.85 2.15 -4.04
N CYS A 15 -3.24 0.99 -3.80
CA CYS A 15 -2.20 0.40 -4.63
C CYS A 15 -2.55 -1.05 -4.93
N PRO A 16 -1.93 -1.69 -5.94
CA PRO A 16 -2.22 -3.08 -6.32
C PRO A 16 -2.12 -4.05 -5.14
N ASP A 17 -2.96 -5.10 -5.18
CA ASP A 17 -3.14 -6.06 -4.09
C ASP A 17 -1.82 -6.60 -3.54
N VAL A 18 -0.88 -6.93 -4.44
CA VAL A 18 0.43 -7.48 -4.11
C VAL A 18 1.15 -6.71 -3.00
N CYS A 19 0.97 -5.38 -2.97
CA CYS A 19 1.51 -4.52 -1.92
C CYS A 19 1.15 -5.03 -0.52
N TYR A 20 -0.12 -5.39 -0.34
CA TYR A 20 -0.70 -5.77 0.94
C TYR A 20 -0.56 -7.28 1.15
N VAL A 21 -0.92 -8.08 0.13
CA VAL A 21 -0.84 -9.52 0.17
C VAL A 21 -0.70 -10.05 -1.27
N NH2 A 22 0.25 -10.95 -1.50
HN1 NH2 A 22 0.84 -11.27 -0.74
HN2 NH2 A 22 0.39 -11.31 -2.43
N ALA A 1 10.06 -1.36 3.19
CA ALA A 1 8.80 -2.04 2.88
C ALA A 1 8.68 -2.38 1.40
N LEU A 2 7.74 -3.28 1.06
CA LEU A 2 7.50 -3.74 -0.30
C LEU A 2 7.06 -2.57 -1.18
N CYS A 3 5.93 -1.95 -0.82
CA CYS A 3 5.41 -0.73 -1.43
C CYS A 3 5.61 0.45 -0.47
N PRO A 4 5.47 1.71 -0.92
CA PRO A 4 5.62 2.88 -0.08
C PRO A 4 4.68 2.90 1.13
N ALA A 5 5.07 3.66 2.16
CA ALA A 5 4.30 3.85 3.39
C ALA A 5 2.88 4.35 3.09
N VAL A 6 2.76 5.24 2.10
CA VAL A 6 1.51 5.83 1.62
C VAL A 6 0.42 4.76 1.40
N CYS A 7 0.81 3.57 0.93
CA CYS A 7 -0.09 2.48 0.63
C CYS A 7 -0.81 1.94 1.87
N TYR A 8 -0.15 1.99 3.03
CA TYR A 8 -0.62 1.37 4.27
C TYR A 8 -1.24 2.41 5.20
N VAL A 9 -0.56 3.55 5.38
CA VAL A 9 -0.97 4.66 6.22
C VAL A 9 -1.03 5.91 5.36
N GLY A 10 -2.04 6.75 5.58
CA GLY A 10 -2.38 7.86 4.69
C GLY A 10 -2.94 7.26 3.40
N GLY A 11 -3.97 6.43 3.56
CA GLY A 11 -4.53 5.58 2.52
C GLY A 11 -4.13 4.14 2.87
N LYS A 12 -5.11 3.23 2.92
CA LYS A 12 -4.93 1.85 3.33
C LYS A 12 -5.13 0.88 2.16
N ALA A 13 -6.10 1.18 1.28
CA ALA A 13 -6.44 0.38 0.11
C ALA A 13 -6.49 1.28 -1.11
N LEU A 14 -5.36 1.42 -1.81
CA LEU A 14 -5.23 2.27 -2.98
C LEU A 14 -4.14 1.79 -3.94
N CYS A 15 -3.10 1.12 -3.43
CA CYS A 15 -2.02 0.56 -4.23
C CYS A 15 -2.40 -0.86 -4.67
N PRO A 16 -1.66 -1.49 -5.60
CA PRO A 16 -1.96 -2.84 -6.07
C PRO A 16 -2.05 -3.87 -4.93
N ASP A 17 -2.84 -4.92 -5.16
CA ASP A 17 -3.07 -6.01 -4.20
C ASP A 17 -1.75 -6.63 -3.72
N VAL A 18 -0.74 -6.67 -4.60
CA VAL A 18 0.59 -7.19 -4.32
C VAL A 18 1.18 -6.56 -3.05
N CYS A 19 0.93 -5.26 -2.83
CA CYS A 19 1.41 -4.53 -1.67
C CYS A 19 0.90 -5.13 -0.35
N TYR A 20 -0.36 -5.59 -0.35
CA TYR A 20 -1.07 -6.00 0.85
C TYR A 20 -1.02 -7.52 1.03
N VAL A 21 -1.43 -8.25 -0.01
CA VAL A 21 -1.50 -9.70 -0.04
C VAL A 21 -0.81 -10.23 -1.30
N NH2 A 22 0.35 -9.66 -1.64
HN1 NH2 A 22 0.85 -9.99 -2.45
HN2 NH2 A 22 0.73 -8.90 -1.10
#